data_1JTU
#
_entry.id   1JTU
#
_cell.length_a   127.600
_cell.length_b   127.600
_cell.length_c   68.000
_cell.angle_alpha   90.00
_cell.angle_beta   90.00
_cell.angle_gamma   120.00
#
_symmetry.space_group_name_H-M   'P 63'
#
loop_
_entity.id
_entity.type
_entity.pdbx_description
1 polymer 'THYMIDYLATE SYNTHASE'
2 non-polymer "2'-DEOXYURIDINE 5'-MONOPHOSPHATE"
3 non-polymer '2-{4-[4-(4-{4-[2-(2-AMINO-4-OXO-4,7-DIHYDRO-3H-PYRROLO[2,3-D]PYRIMIDIN-5-YL)-ETHYL]-BENZOYLAMINO}-4-CARBOXY-BUTYRYLAMIN O)-4-CARBOXY-BUTYRYLAMINO}-PENTANEDIOIC ACID'
4 water water
#
_entity_poly.entity_id   1
_entity_poly.type   'polypeptide(L)'
_entity_poly.pdbx_seq_one_letter_code
;(CXM)KQYLELMQKVLDEGTQKNDRTGTGTLSIFGHQMRFNLQDGFPLVTTKRCHLRSIIHELLWFLQGDTNIAYLHENN
VTIWDEWADENGDLGPVYGKQWRAWPTPDGRHIDQITTVLNQLKNDPDSRRIIVSAWNVGELDKMALAPCHAFFQFYVAD
GKLSCQLYQRSCDVFLGLPFNIASYALLVHMMAQQCDLEVGDFVWTGGDTHLYSNHMDQTHLQLSREPRPLPKLIIKRKP
ESIFDYRFEDFEIEGYDPHPGIKAPVAI
;
_entity_poly.pdbx_strand_id   A,B
#
loop_
_chem_comp.id
_chem_comp.type
_chem_comp.name
_chem_comp.formula
LYB non-polymer '2-{4-[4-(4-{4-[2-(2-AMINO-4-OXO-4,7-DIHYDRO-3H-PYRROLO[2,3-D]PYRIMIDIN-5-YL)-ETHYL]-BENZOYLAMINO}-4-CARBOXY-BUTYRYLAMIN O)-4-CARBOXY-BUTYRYLAMINO}-PENTANEDIOIC ACID' 'C35 H42 N8 O15'
UMP non-polymer '2'-DEOXYURIDINE 5'-MONOPHOSPHATE' 'C9 H13 N2 O8 P'
#
# COMPACT_ATOMS: atom_id res chain seq x y z
N CXM A 1 -4.49 20.63 10.44
CA CXM A 1 -3.37 19.90 11.10
CB CXM A 1 -3.61 18.38 11.03
CG CXM A 1 -4.79 17.84 11.83
SD CXM A 1 -4.91 16.01 11.70
CE CXM A 1 -6.42 15.82 10.82
C CXM A 1 -2.11 20.22 10.33
O CXM A 1 -2.15 20.45 9.12
CN CXM A 1 -5.57 20.91 11.02
ON1 CXM A 1 -5.67 20.82 12.25
ON2 CXM A 1 -6.51 21.37 10.33
N LYS A 2 -0.98 20.22 11.02
CA LYS A 2 0.28 20.53 10.34
C LYS A 2 0.54 19.60 9.16
N GLN A 3 0.45 18.29 9.38
CA GLN A 3 0.72 17.32 8.32
C GLN A 3 -0.20 17.52 7.12
N TYR A 4 -1.47 17.81 7.42
CA TYR A 4 -2.48 18.03 6.39
C TYR A 4 -2.15 19.23 5.54
N LEU A 5 -2.01 20.39 6.18
CA LEU A 5 -1.69 21.61 5.47
C LEU A 5 -0.39 21.44 4.72
N GLU A 6 0.61 20.83 5.33
CA GLU A 6 1.88 20.63 4.62
C GLU A 6 1.72 19.82 3.34
N LEU A 7 0.78 18.88 3.33
CA LEU A 7 0.52 18.04 2.15
C LEU A 7 -0.12 18.91 1.07
N MET A 8 -1.14 19.69 1.46
CA MET A 8 -1.80 20.58 0.52
C MET A 8 -0.78 21.43 -0.23
N GLN A 9 0.03 22.17 0.53
CA GLN A 9 1.05 23.03 -0.05
C GLN A 9 2.00 22.22 -0.92
N LYS A 10 2.15 20.94 -0.62
CA LYS A 10 3.03 20.08 -1.41
C LYS A 10 2.44 19.83 -2.80
N VAL A 11 1.11 19.65 -2.85
CA VAL A 11 0.43 19.42 -4.12
C VAL A 11 0.54 20.67 -4.98
N LEU A 12 0.27 21.82 -4.38
CA LEU A 12 0.34 23.10 -5.09
C LEU A 12 1.76 23.41 -5.58
N ASP A 13 2.77 22.98 -4.83
CA ASP A 13 4.15 23.25 -5.20
C ASP A 13 4.79 22.28 -6.17
N GLU A 14 4.39 21.01 -6.13
CA GLU A 14 4.99 20.02 -7.01
C GLU A 14 3.97 19.33 -7.91
N GLY A 15 2.69 19.61 -7.66
CA GLY A 15 1.66 18.98 -8.46
C GLY A 15 1.74 19.25 -9.94
N THR A 16 1.27 18.30 -10.73
CA THR A 16 1.24 18.44 -12.17
C THR A 16 -0.23 18.40 -12.54
N GLN A 17 -0.60 18.99 -13.67
CA GLN A 17 -2.00 18.98 -14.08
C GLN A 17 -2.41 17.69 -14.76
N LYS A 18 -3.54 17.14 -14.31
CA LYS A 18 -4.05 15.91 -14.88
C LYS A 18 -5.56 15.94 -15.07
N ASN A 19 -6.02 15.32 -16.14
CA ASN A 19 -7.44 15.21 -16.41
C ASN A 19 -7.81 13.95 -15.64
N ASP A 20 -9.10 13.72 -15.40
CA ASP A 20 -9.50 12.53 -14.66
C ASP A 20 -10.86 12.00 -15.07
N ARG A 21 -11.18 10.83 -14.53
CA ARG A 21 -12.45 10.15 -14.77
C ARG A 21 -13.68 11.06 -14.75
N THR A 22 -13.74 11.99 -13.80
CA THR A 22 -14.87 12.90 -13.67
C THR A 22 -14.81 14.13 -14.61
N GLY A 23 -13.78 14.21 -15.43
CA GLY A 23 -13.64 15.33 -16.34
C GLY A 23 -13.56 16.66 -15.62
N THR A 24 -13.17 16.61 -14.36
CA THR A 24 -13.06 17.79 -13.51
C THR A 24 -11.68 18.47 -13.51
N GLY A 25 -10.62 17.71 -13.83
CA GLY A 25 -9.28 18.28 -13.83
C GLY A 25 -8.71 18.34 -12.42
N THR A 26 -7.43 17.95 -12.27
CA THR A 26 -6.81 17.97 -10.95
C THR A 26 -5.36 18.44 -10.96
N LEU A 27 -4.80 18.60 -9.76
CA LEU A 27 -3.40 18.96 -9.55
C LEU A 27 -2.94 17.71 -8.79
N SER A 28 -2.00 16.96 -9.36
CA SER A 28 -1.61 15.70 -8.76
C SER A 28 -0.13 15.39 -8.47
N ILE A 29 0.10 14.76 -7.32
CA ILE A 29 1.43 14.29 -6.91
C ILE A 29 1.25 12.78 -6.70
N PHE A 30 2.31 12.02 -6.88
CA PHE A 30 2.22 10.57 -6.73
C PHE A 30 3.15 10.04 -5.65
N GLY A 31 2.57 9.41 -4.63
CA GLY A 31 3.37 8.87 -3.56
C GLY A 31 3.69 9.88 -2.48
N HIS A 32 3.16 9.63 -1.28
CA HIS A 32 3.40 10.50 -0.15
C HIS A 32 3.07 9.73 1.11
N GLN A 33 3.66 10.14 2.23
CA GLN A 33 3.43 9.47 3.50
C GLN A 33 3.51 10.45 4.67
N MET A 34 2.60 10.31 5.62
CA MET A 34 2.59 11.16 6.81
C MET A 34 2.16 10.34 8.00
N ARG A 35 2.65 10.70 9.18
CA ARG A 35 2.37 9.98 10.40
C ARG A 35 1.62 10.79 11.43
N PHE A 36 0.77 10.12 12.20
CA PHE A 36 -0.01 10.75 13.25
C PHE A 36 0.12 9.94 14.54
N ASN A 37 0.84 10.46 15.53
CA ASN A 37 0.96 9.75 16.80
C ASN A 37 -0.37 9.98 17.49
N LEU A 38 -1.20 8.95 17.50
CA LEU A 38 -2.53 9.04 18.09
C LEU A 38 -2.61 9.48 19.55
N GLN A 39 -1.50 9.40 20.27
CA GLN A 39 -1.53 9.83 21.66
C GLN A 39 -1.42 11.35 21.79
N ASP A 40 -0.98 12.02 20.74
CA ASP A 40 -0.89 13.47 20.76
C ASP A 40 -2.31 14.04 20.67
N GLY A 41 -3.26 13.19 20.26
CA GLY A 41 -4.65 13.63 20.14
C GLY A 41 -5.35 13.05 18.92
N PHE A 42 -6.67 13.16 18.87
CA PHE A 42 -7.46 12.64 17.73
C PHE A 42 -7.24 13.51 16.50
N PRO A 43 -6.81 12.90 15.39
CA PRO A 43 -6.56 13.65 14.15
C PRO A 43 -7.77 14.10 13.33
N LEU A 44 -8.53 15.07 13.85
CA LEU A 44 -9.70 15.61 13.15
C LEU A 44 -9.33 17.04 12.76
N VAL A 45 -9.18 17.31 11.45
CA VAL A 45 -8.80 18.65 11.00
C VAL A 45 -9.55 19.77 11.68
N THR A 46 -8.82 20.84 12.00
CA THR A 46 -9.42 21.99 12.68
C THR A 46 -9.45 23.24 11.82
N THR A 47 -8.67 23.28 10.76
CA THR A 47 -8.65 24.46 9.89
C THR A 47 -9.97 24.65 9.13
N LYS A 48 -10.94 23.79 9.41
CA LYS A 48 -12.29 23.84 8.80
C LYS A 48 -13.13 22.82 9.53
N ARG A 49 -14.39 23.13 9.81
CA ARG A 49 -15.25 22.18 10.53
C ARG A 49 -15.54 20.90 9.77
N CYS A 50 -15.54 19.78 10.48
CA CYS A 50 -15.83 18.46 9.89
C CYS A 50 -17.08 17.90 10.52
N HIS A 51 -17.83 17.13 9.74
CA HIS A 51 -19.07 16.54 10.23
C HIS A 51 -18.83 15.15 10.82
N LEU A 52 -18.67 15.10 12.14
CA LEU A 52 -18.43 13.84 12.85
C LEU A 52 -19.48 12.77 12.56
N ARG A 53 -20.74 13.15 12.71
CA ARG A 53 -21.87 12.25 12.49
C ARG A 53 -21.66 11.37 11.26
N SER A 54 -21.24 11.98 10.15
CA SER A 54 -21.03 11.23 8.92
C SER A 54 -19.89 10.25 9.08
N ILE A 55 -18.75 10.75 9.53
CA ILE A 55 -17.56 9.94 9.70
C ILE A 55 -17.80 8.70 10.55
N ILE A 56 -18.44 8.86 11.69
CA ILE A 56 -18.68 7.73 12.58
C ILE A 56 -19.68 6.72 12.04
N HIS A 57 -20.80 7.20 11.52
CA HIS A 57 -21.80 6.29 10.98
C HIS A 57 -21.30 5.49 9.79
N GLU A 58 -20.42 6.06 8.99
CA GLU A 58 -19.88 5.36 7.84
C GLU A 58 -19.04 4.17 8.33
N LEU A 59 -18.23 4.37 9.36
CA LEU A 59 -17.40 3.28 9.90
C LEU A 59 -18.23 2.11 10.45
N LEU A 60 -19.19 2.41 11.33
CA LEU A 60 -20.05 1.35 11.88
C LEU A 60 -20.72 0.62 10.72
N TRP A 61 -21.05 1.39 9.69
CA TRP A 61 -21.68 0.88 8.47
C TRP A 61 -20.73 -0.14 7.84
N PHE A 62 -19.46 0.23 7.63
CA PHE A 62 -18.46 -0.68 7.06
C PHE A 62 -18.37 -1.96 7.92
N LEU A 63 -18.14 -1.76 9.21
CA LEU A 63 -17.99 -2.87 10.16
C LEU A 63 -19.14 -3.85 10.19
N GLN A 64 -20.35 -3.40 9.87
CA GLN A 64 -21.50 -4.32 9.87
C GLN A 64 -21.52 -5.12 8.58
N GLY A 65 -20.71 -4.69 7.61
CA GLY A 65 -20.64 -5.37 6.32
C GLY A 65 -21.77 -4.98 5.38
N ASP A 66 -22.31 -3.80 5.61
CA ASP A 66 -23.42 -3.28 4.82
C ASP A 66 -22.90 -2.53 3.59
N THR A 67 -23.62 -2.62 2.48
CA THR A 67 -23.25 -1.94 1.25
C THR A 67 -24.45 -1.20 0.69
N ASN A 68 -25.48 -1.04 1.50
CA ASN A 68 -26.68 -0.33 1.06
C ASN A 68 -26.78 0.93 1.91
N ILE A 69 -27.15 2.06 1.30
CA ILE A 69 -27.22 3.33 2.03
C ILE A 69 -28.44 3.54 2.93
N ALA A 70 -29.30 2.54 3.01
CA ALA A 70 -30.48 2.66 3.87
C ALA A 70 -30.01 3.09 5.27
N TYR A 71 -29.21 2.24 5.91
CA TYR A 71 -28.67 2.53 7.24
C TYR A 71 -28.17 3.97 7.37
N LEU A 72 -27.42 4.42 6.37
CA LEU A 72 -26.87 5.77 6.39
C LEU A 72 -28.00 6.80 6.39
N HIS A 73 -29.04 6.53 5.61
CA HIS A 73 -30.18 7.43 5.52
C HIS A 73 -30.89 7.52 6.87
N GLU A 74 -31.12 6.37 7.50
CA GLU A 74 -31.77 6.35 8.80
C GLU A 74 -31.04 7.25 9.79
N ASN A 75 -29.76 7.50 9.56
CA ASN A 75 -28.98 8.35 10.46
C ASN A 75 -28.54 9.66 9.82
N ASN A 76 -29.30 10.13 8.84
CA ASN A 76 -29.02 11.40 8.18
C ASN A 76 -27.64 11.60 7.59
N VAL A 77 -27.07 10.56 6.99
CA VAL A 77 -25.76 10.68 6.36
C VAL A 77 -26.00 10.49 4.87
N THR A 78 -25.57 11.47 4.08
CA THR A 78 -25.79 11.43 2.64
C THR A 78 -24.52 11.38 1.81
N ILE A 79 -23.37 11.19 2.45
CA ILE A 79 -22.11 11.17 1.72
C ILE A 79 -22.01 10.16 0.58
N TRP A 80 -22.84 9.11 0.60
CA TRP A 80 -22.80 8.10 -0.45
C TRP A 80 -23.99 8.06 -1.38
N ASP A 81 -24.80 9.10 -1.39
CA ASP A 81 -25.99 9.15 -2.24
C ASP A 81 -25.69 9.16 -3.74
N GLU A 82 -24.75 9.99 -4.16
CA GLU A 82 -24.38 10.13 -5.56
C GLU A 82 -24.05 8.86 -6.35
N TRP A 83 -23.62 7.80 -5.66
CA TRP A 83 -23.23 6.58 -6.34
C TRP A 83 -24.14 5.38 -6.13
N ALA A 84 -25.10 5.49 -5.22
CA ALA A 84 -26.02 4.38 -4.97
C ALA A 84 -27.00 4.24 -6.14
N ASP A 85 -27.49 3.03 -6.36
CA ASP A 85 -28.43 2.79 -7.45
C ASP A 85 -29.85 2.97 -6.93
N GLU A 86 -30.83 2.66 -7.77
CA GLU A 86 -32.24 2.82 -7.42
C GLU A 86 -32.62 2.18 -6.08
N ASN A 87 -32.01 1.03 -5.79
CA ASN A 87 -32.29 0.29 -4.57
C ASN A 87 -31.36 0.62 -3.40
N GLY A 88 -30.55 1.66 -3.56
CA GLY A 88 -29.62 2.04 -2.51
C GLY A 88 -28.30 1.27 -2.47
N ASP A 89 -28.14 0.28 -3.33
CA ASP A 89 -26.92 -0.53 -3.37
C ASP A 89 -25.72 0.16 -4.01
N LEU A 90 -24.53 -0.21 -3.53
CA LEU A 90 -23.28 0.35 -4.06
C LEU A 90 -22.44 -0.78 -4.62
N GLY A 91 -22.91 -2.01 -4.45
CA GLY A 91 -22.16 -3.16 -4.92
C GLY A 91 -21.26 -3.66 -3.82
N PRO A 92 -20.43 -4.70 -4.07
CA PRO A 92 -19.53 -5.26 -3.07
C PRO A 92 -18.40 -4.33 -2.63
N VAL A 93 -18.72 -3.15 -2.13
CA VAL A 93 -17.67 -2.23 -1.69
C VAL A 93 -17.16 -2.53 -0.29
N TYR A 94 -16.38 -1.60 0.26
CA TYR A 94 -15.76 -1.74 1.58
C TYR A 94 -16.34 -2.74 2.57
N GLY A 95 -17.55 -2.48 3.03
CA GLY A 95 -18.19 -3.34 4.01
C GLY A 95 -18.21 -4.82 3.65
N LYS A 96 -18.54 -5.13 2.41
CA LYS A 96 -18.61 -6.51 1.96
C LYS A 96 -17.26 -7.21 1.96
N GLN A 97 -16.24 -6.54 1.42
CA GLN A 97 -14.90 -7.13 1.36
C GLN A 97 -14.31 -7.29 2.76
N TRP A 98 -14.60 -6.33 3.64
CA TRP A 98 -14.11 -6.37 5.01
C TRP A 98 -14.65 -7.56 5.81
N ARG A 99 -15.94 -7.86 5.63
CA ARG A 99 -16.57 -8.92 6.41
C ARG A 99 -16.87 -10.21 5.66
N ALA A 100 -16.92 -10.16 4.34
CA ALA A 100 -17.24 -11.36 3.58
C ALA A 100 -16.61 -11.43 2.19
N TRP A 101 -15.28 -11.52 2.15
CA TRP A 101 -14.57 -11.62 0.87
C TRP A 101 -14.86 -13.01 0.33
N PRO A 102 -15.52 -13.10 -0.84
CA PRO A 102 -15.85 -14.40 -1.45
C PRO A 102 -14.69 -15.09 -2.16
N THR A 103 -14.30 -16.25 -1.63
CA THR A 103 -13.20 -17.02 -2.22
C THR A 103 -13.73 -17.81 -3.40
N PRO A 104 -12.84 -18.42 -4.18
CA PRO A 104 -13.25 -19.21 -5.35
C PRO A 104 -14.05 -20.47 -5.01
N ASP A 105 -13.63 -21.18 -3.97
CA ASP A 105 -14.29 -22.41 -3.56
C ASP A 105 -15.52 -22.26 -2.66
N GLY A 106 -16.28 -21.18 -2.86
CA GLY A 106 -17.49 -20.96 -2.07
C GLY A 106 -17.38 -20.51 -0.62
N ARG A 107 -16.21 -20.06 -0.20
CA ARG A 107 -16.05 -19.60 1.17
C ARG A 107 -16.19 -18.10 1.23
N HIS A 108 -16.14 -17.58 2.45
CA HIS A 108 -16.21 -16.15 2.70
C HIS A 108 -15.30 -15.90 3.88
N ILE A 109 -14.42 -14.93 3.73
CA ILE A 109 -13.47 -14.64 4.78
C ILE A 109 -13.78 -13.33 5.49
N ASP A 110 -13.92 -13.39 6.81
CA ASP A 110 -14.20 -12.20 7.59
C ASP A 110 -12.83 -11.63 7.98
N GLN A 111 -12.36 -10.66 7.20
CA GLN A 111 -11.05 -10.07 7.46
C GLN A 111 -10.96 -9.32 8.77
N ILE A 112 -12.04 -8.69 9.17
CA ILE A 112 -12.03 -7.96 10.43
C ILE A 112 -11.85 -8.90 11.62
N THR A 113 -12.64 -9.98 11.69
CA THR A 113 -12.47 -10.88 12.83
C THR A 113 -11.10 -11.57 12.76
N THR A 114 -10.65 -11.89 11.56
CA THR A 114 -9.34 -12.53 11.40
C THR A 114 -8.26 -11.65 12.04
N VAL A 115 -8.30 -10.35 11.75
CA VAL A 115 -7.34 -9.40 12.31
C VAL A 115 -7.39 -9.34 13.83
N LEU A 116 -8.59 -9.32 14.39
CA LEU A 116 -8.73 -9.27 15.84
C LEU A 116 -8.08 -10.49 16.46
N ASN A 117 -8.35 -11.67 15.91
CA ASN A 117 -7.75 -12.89 16.45
C ASN A 117 -6.24 -12.82 16.34
N GLN A 118 -5.76 -12.27 15.24
CA GLN A 118 -4.33 -12.12 15.03
C GLN A 118 -3.68 -11.17 16.05
N LEU A 119 -4.36 -10.07 16.36
CA LEU A 119 -3.80 -9.11 17.30
C LEU A 119 -3.77 -9.64 18.73
N LYS A 120 -4.61 -10.62 19.01
CA LYS A 120 -4.68 -11.19 20.35
C LYS A 120 -3.77 -12.42 20.54
N ASN A 121 -3.58 -13.21 19.48
CA ASN A 121 -2.76 -14.40 19.60
C ASN A 121 -1.43 -14.41 18.83
N ASP A 122 -1.26 -13.48 17.90
CA ASP A 122 -0.03 -13.41 17.12
C ASP A 122 0.22 -11.98 16.64
N PRO A 123 0.33 -11.04 17.58
CA PRO A 123 0.56 -9.62 17.28
C PRO A 123 1.89 -9.30 16.61
N ASP A 124 2.80 -10.27 16.57
CA ASP A 124 4.09 -10.02 15.94
C ASP A 124 4.03 -10.43 14.49
N SER A 125 2.91 -11.01 14.08
CA SER A 125 2.74 -11.43 12.70
C SER A 125 2.90 -10.24 11.77
N ARG A 126 3.56 -10.45 10.64
CA ARG A 126 3.76 -9.38 9.69
C ARG A 126 2.72 -9.48 8.58
N ARG A 127 1.61 -10.16 8.89
CA ARG A 127 0.53 -10.38 7.93
C ARG A 127 -0.86 -9.90 8.36
N ILE A 128 -0.94 -9.06 9.37
CA ILE A 128 -2.24 -8.57 9.85
C ILE A 128 -2.72 -7.51 8.86
N ILE A 129 -3.42 -8.00 7.84
CA ILE A 129 -3.88 -7.18 6.74
C ILE A 129 -5.37 -7.27 6.38
N VAL A 130 -5.91 -6.15 5.91
CA VAL A 130 -7.28 -6.08 5.44
C VAL A 130 -7.21 -5.45 4.06
N SER A 131 -7.80 -6.12 3.07
CA SER A 131 -7.81 -5.58 1.72
C SER A 131 -9.22 -5.48 1.15
N ALA A 132 -9.54 -4.32 0.58
CA ALA A 132 -10.82 -4.09 -0.04
C ALA A 132 -10.66 -4.26 -1.53
N TRP A 133 -9.40 -4.38 -1.97
CA TRP A 133 -9.11 -4.49 -3.38
C TRP A 133 -9.31 -5.89 -3.97
N ASN A 134 -10.57 -6.28 -4.11
CA ASN A 134 -10.89 -7.60 -4.65
C ASN A 134 -11.01 -7.52 -6.16
N VAL A 135 -9.91 -7.83 -6.86
CA VAL A 135 -9.89 -7.79 -8.31
C VAL A 135 -11.10 -8.45 -8.96
N GLY A 136 -11.50 -9.60 -8.44
CA GLY A 136 -12.64 -10.30 -8.99
C GLY A 136 -13.97 -9.55 -8.99
N GLU A 137 -14.23 -8.74 -7.98
CA GLU A 137 -15.49 -8.02 -7.90
C GLU A 137 -15.44 -6.52 -8.20
N LEU A 138 -14.30 -6.07 -8.70
CA LEU A 138 -14.11 -4.66 -9.02
C LEU A 138 -15.18 -4.10 -9.98
N ASP A 139 -15.61 -4.92 -10.93
CA ASP A 139 -16.59 -4.44 -11.91
C ASP A 139 -18.02 -4.39 -11.42
N LYS A 140 -18.27 -4.86 -10.20
CA LYS A 140 -19.62 -4.82 -9.65
C LYS A 140 -19.70 -3.70 -8.62
N MET A 141 -18.61 -2.95 -8.47
CA MET A 141 -18.57 -1.87 -7.48
C MET A 141 -18.87 -0.52 -8.10
N ALA A 142 -19.72 0.25 -7.42
CA ALA A 142 -20.10 1.57 -7.89
C ALA A 142 -18.91 2.53 -7.95
N LEU A 143 -17.85 2.19 -7.22
CA LEU A 143 -16.67 3.03 -7.18
C LEU A 143 -15.55 2.14 -6.61
N ALA A 144 -14.42 2.08 -7.31
CA ALA A 144 -13.31 1.26 -6.81
C ALA A 144 -12.86 1.85 -5.49
N PRO A 145 -12.44 1.00 -4.52
CA PRO A 145 -11.99 1.48 -3.22
C PRO A 145 -10.86 2.50 -3.33
N CYS A 146 -10.89 3.54 -2.49
CA CYS A 146 -9.85 4.55 -2.46
C CYS A 146 -8.87 4.13 -1.36
N HIS A 147 -9.40 3.90 -0.15
CA HIS A 147 -8.57 3.41 0.94
C HIS A 147 -8.74 1.91 0.72
N ALA A 148 -7.77 1.35 0.02
CA ALA A 148 -7.81 -0.05 -0.43
C ALA A 148 -7.11 -1.14 0.35
N PHE A 149 -6.08 -0.77 1.11
CA PHE A 149 -5.29 -1.76 1.78
C PHE A 149 -4.77 -1.19 3.10
N PHE A 150 -4.82 -1.95 4.18
CA PHE A 150 -4.25 -1.46 5.43
C PHE A 150 -3.67 -2.57 6.28
N GLN A 151 -2.63 -2.23 7.03
CA GLN A 151 -1.91 -3.20 7.86
C GLN A 151 -1.73 -2.73 9.29
N PHE A 152 -1.89 -3.64 10.23
CA PHE A 152 -1.70 -3.32 11.64
C PHE A 152 -0.33 -3.81 12.09
N TYR A 153 0.15 -3.26 13.20
CA TYR A 153 1.47 -3.62 13.72
C TYR A 153 1.44 -3.35 15.20
N VAL A 154 2.22 -4.11 15.96
CA VAL A 154 2.26 -3.94 17.41
C VAL A 154 3.70 -3.83 17.90
N ALA A 155 3.88 -2.95 18.90
CA ALA A 155 5.19 -2.72 19.49
C ALA A 155 4.98 -2.02 20.80
N ASP A 156 5.60 -2.54 21.85
CA ASP A 156 5.50 -1.95 23.17
C ASP A 156 4.06 -1.77 23.60
N GLY A 157 3.22 -2.74 23.26
CA GLY A 157 1.81 -2.70 23.64
C GLY A 157 1.01 -1.58 22.99
N LYS A 158 1.55 -1.04 21.92
CA LYS A 158 0.89 0.04 21.19
C LYS A 158 0.50 -0.46 19.81
N LEU A 159 -0.75 -0.19 19.44
CA LEU A 159 -1.31 -0.60 18.16
C LEU A 159 -1.16 0.46 17.09
N SER A 160 -0.44 0.14 16.02
CA SER A 160 -0.26 1.07 14.91
C SER A 160 -0.98 0.54 13.67
N CYS A 161 -1.12 1.40 12.66
CA CYS A 161 -1.80 1.02 11.44
C CYS A 161 -1.38 1.88 10.27
N GLN A 162 -1.12 1.23 9.14
CA GLN A 162 -0.77 1.95 7.94
C GLN A 162 -1.85 1.70 6.89
N LEU A 163 -2.27 2.75 6.20
CA LEU A 163 -3.27 2.65 5.17
C LEU A 163 -2.64 3.08 3.85
N TYR A 164 -2.97 2.37 2.77
CA TYR A 164 -2.49 2.73 1.46
C TYR A 164 -3.75 3.17 0.72
N GLN A 165 -3.82 4.45 0.40
CA GLN A 165 -4.97 5.00 -0.32
C GLN A 165 -4.49 5.24 -1.74
N ARG A 166 -5.05 4.53 -2.71
CA ARG A 166 -4.61 4.67 -4.09
C ARG A 166 -5.05 5.97 -4.76
N SER A 167 -6.15 6.53 -4.30
CA SER A 167 -6.66 7.78 -4.89
C SER A 167 -7.15 8.63 -3.72
N CYS A 168 -6.77 9.90 -3.72
CA CYS A 168 -7.17 10.73 -2.62
C CYS A 168 -7.56 12.16 -2.96
N ASP A 169 -8.82 12.46 -2.69
CA ASP A 169 -9.38 13.79 -2.89
C ASP A 169 -8.92 14.49 -1.60
N VAL A 170 -7.79 15.18 -1.68
CA VAL A 170 -7.22 15.84 -0.52
C VAL A 170 -8.14 16.80 0.22
N PHE A 171 -8.79 17.70 -0.51
CA PHE A 171 -9.66 18.66 0.15
C PHE A 171 -10.89 18.04 0.78
N LEU A 172 -11.62 17.24 0.02
CA LEU A 172 -12.85 16.64 0.50
C LEU A 172 -12.79 15.26 1.16
N GLY A 173 -11.97 14.37 0.62
CA GLY A 173 -11.92 13.02 1.19
C GLY A 173 -10.99 12.74 2.35
N LEU A 174 -9.75 13.19 2.23
CA LEU A 174 -8.73 12.95 3.24
C LEU A 174 -9.17 13.23 4.68
N PRO A 175 -9.81 14.39 4.94
CA PRO A 175 -10.24 14.69 6.30
C PRO A 175 -11.08 13.57 6.92
N PHE A 176 -12.04 13.05 6.15
CA PHE A 176 -12.90 11.98 6.64
C PHE A 176 -12.12 10.68 6.81
N ASN A 177 -11.36 10.30 5.79
CA ASN A 177 -10.58 9.08 5.80
C ASN A 177 -9.59 8.99 6.94
N ILE A 178 -8.95 10.11 7.26
CA ILE A 178 -7.98 10.10 8.36
C ILE A 178 -8.72 9.84 9.68
N ALA A 179 -9.79 10.57 9.94
CA ALA A 179 -10.52 10.39 11.18
C ALA A 179 -11.11 8.99 11.30
N SER A 180 -11.63 8.49 10.18
CA SER A 180 -12.24 7.17 10.13
C SER A 180 -11.30 6.05 10.58
N TYR A 181 -10.08 6.06 10.05
CA TYR A 181 -9.11 5.03 10.44
C TYR A 181 -8.55 5.25 11.85
N ALA A 182 -8.31 6.50 12.21
CA ALA A 182 -7.79 6.79 13.54
C ALA A 182 -8.80 6.25 14.55
N LEU A 183 -10.08 6.32 14.18
CA LEU A 183 -11.17 5.83 15.01
C LEU A 183 -11.15 4.30 15.10
N LEU A 184 -10.89 3.63 13.97
CA LEU A 184 -10.85 2.17 13.94
C LEU A 184 -9.74 1.69 14.87
N VAL A 185 -8.59 2.33 14.77
CA VAL A 185 -7.46 1.98 15.60
C VAL A 185 -7.84 2.03 17.10
N HIS A 186 -8.52 3.09 17.53
CA HIS A 186 -8.91 3.18 18.93
C HIS A 186 -9.85 2.02 19.27
N MET A 187 -10.73 1.67 18.34
CA MET A 187 -11.68 0.58 18.58
C MET A 187 -10.92 -0.74 18.65
N MET A 188 -10.00 -0.98 17.71
CA MET A 188 -9.22 -2.20 17.70
C MET A 188 -8.42 -2.28 19.00
N ALA A 189 -7.75 -1.18 19.36
CA ALA A 189 -6.94 -1.11 20.57
C ALA A 189 -7.75 -1.46 21.82
N GLN A 190 -8.90 -0.81 21.96
CA GLN A 190 -9.73 -1.09 23.12
C GLN A 190 -10.19 -2.54 23.20
N GLN A 191 -10.40 -3.19 22.07
CA GLN A 191 -10.85 -4.57 22.09
C GLN A 191 -9.71 -5.52 22.45
N CYS A 192 -8.50 -5.16 22.06
CA CYS A 192 -7.33 -6.00 22.33
C CYS A 192 -6.53 -5.58 23.55
N ASP A 193 -7.03 -4.62 24.32
CA ASP A 193 -6.33 -4.14 25.50
C ASP A 193 -4.93 -3.62 25.21
N LEU A 194 -4.82 -2.87 24.12
CA LEU A 194 -3.54 -2.27 23.72
C LEU A 194 -3.71 -0.76 23.75
N GLU A 195 -2.59 -0.04 23.68
CA GLU A 195 -2.64 1.41 23.67
C GLU A 195 -2.55 1.80 22.20
N VAL A 196 -3.01 3.00 21.87
CA VAL A 196 -2.97 3.46 20.49
C VAL A 196 -1.54 3.90 20.16
N GLY A 197 -1.10 3.62 18.95
CA GLY A 197 0.22 4.01 18.51
C GLY A 197 0.14 5.04 17.39
N ASP A 198 0.73 4.72 16.24
CA ASP A 198 0.72 5.62 15.09
C ASP A 198 -0.26 5.21 14.01
N PHE A 199 -0.79 6.19 13.30
CA PHE A 199 -1.64 5.93 12.15
C PHE A 199 -0.82 6.50 11.01
N VAL A 200 -0.32 5.62 10.14
CA VAL A 200 0.50 6.04 9.01
C VAL A 200 -0.32 6.04 7.72
N TRP A 201 -0.44 7.20 7.10
CA TRP A 201 -1.19 7.35 5.87
C TRP A 201 -0.24 7.40 4.67
N THR A 202 -0.49 6.57 3.67
CA THR A 202 0.34 6.58 2.47
C THR A 202 -0.59 6.75 1.27
N GLY A 203 -0.29 7.72 0.41
CA GLY A 203 -1.14 7.95 -0.75
C GLY A 203 -0.54 7.65 -2.11
N GLY A 204 -1.39 7.30 -3.05
CA GLY A 204 -0.97 7.03 -4.41
C GLY A 204 -1.19 8.31 -5.20
N ASP A 205 -2.26 8.39 -5.97
CA ASP A 205 -2.57 9.60 -6.72
C ASP A 205 -3.22 10.55 -5.73
N THR A 206 -2.43 11.49 -5.20
CA THR A 206 -2.92 12.44 -4.22
C THR A 206 -3.19 13.73 -4.96
N HIS A 207 -4.41 14.23 -4.86
CA HIS A 207 -4.77 15.41 -5.62
C HIS A 207 -5.76 16.40 -5.02
N LEU A 208 -5.83 17.52 -5.72
CA LEU A 208 -6.71 18.64 -5.40
C LEU A 208 -7.47 18.91 -6.71
N TYR A 209 -8.79 18.90 -6.65
CA TYR A 209 -9.60 19.17 -7.84
C TYR A 209 -9.51 20.65 -8.22
N SER A 210 -9.60 20.92 -9.51
CA SER A 210 -9.53 22.29 -10.03
C SER A 210 -10.49 23.29 -9.37
N ASN A 211 -11.71 22.84 -9.08
CA ASN A 211 -12.69 23.69 -8.45
C ASN A 211 -12.61 23.65 -6.92
N HIS A 212 -11.41 23.41 -6.42
CA HIS A 212 -11.15 23.36 -4.97
C HIS A 212 -9.97 24.28 -4.63
N MET A 213 -9.37 24.87 -5.66
CA MET A 213 -8.21 25.76 -5.51
C MET A 213 -8.39 27.00 -4.63
N ASP A 214 -9.55 27.65 -4.71
CA ASP A 214 -9.78 28.83 -3.88
C ASP A 214 -9.91 28.37 -2.44
N GLN A 215 -10.88 27.48 -2.21
CA GLN A 215 -11.12 26.93 -0.89
C GLN A 215 -9.79 26.51 -0.26
N THR A 216 -8.96 25.81 -1.04
CA THR A 216 -7.68 25.35 -0.55
C THR A 216 -6.76 26.46 -0.01
N HIS A 217 -6.68 27.59 -0.72
CA HIS A 217 -5.83 28.70 -0.27
C HIS A 217 -6.43 29.38 0.95
N LEU A 218 -7.74 29.39 1.02
CA LEU A 218 -8.45 29.98 2.14
C LEU A 218 -8.05 29.24 3.41
N GLN A 219 -8.25 27.93 3.38
CA GLN A 219 -7.95 27.07 4.51
C GLN A 219 -6.47 27.07 4.85
N LEU A 220 -5.65 27.13 3.81
CA LEU A 220 -4.20 27.10 3.97
C LEU A 220 -3.65 28.40 4.55
N SER A 221 -4.54 29.37 4.79
CA SER A 221 -4.12 30.65 5.34
C SER A 221 -4.44 30.69 6.83
N ARG A 222 -5.01 29.61 7.33
CA ARG A 222 -5.41 29.52 8.73
C ARG A 222 -4.40 28.75 9.58
N GLU A 223 -4.42 29.05 10.88
CA GLU A 223 -3.53 28.40 11.84
C GLU A 223 -4.22 27.22 12.51
N PRO A 224 -3.61 26.02 12.41
CA PRO A 224 -4.17 24.80 13.00
C PRO A 224 -4.41 25.01 14.48
N ARG A 225 -5.53 24.49 14.98
CA ARG A 225 -5.85 24.62 16.39
C ARG A 225 -5.38 23.36 17.13
N PRO A 226 -5.60 23.30 18.45
CA PRO A 226 -5.18 22.11 19.20
C PRO A 226 -6.07 20.91 18.88
N LEU A 227 -5.48 19.74 18.70
CA LEU A 227 -6.22 18.53 18.38
C LEU A 227 -7.19 18.11 19.47
N PRO A 228 -8.40 17.66 19.09
CA PRO A 228 -9.42 17.23 20.05
C PRO A 228 -9.09 15.88 20.71
N LYS A 229 -9.91 15.47 21.67
CA LYS A 229 -9.69 14.23 22.41
C LYS A 229 -10.85 13.26 22.21
N LEU A 230 -10.53 11.99 21.99
CA LEU A 230 -11.54 10.98 21.80
C LEU A 230 -11.79 10.23 23.11
N ILE A 231 -13.04 10.21 23.56
CA ILE A 231 -13.39 9.50 24.79
C ILE A 231 -14.42 8.43 24.49
N ILE A 232 -14.09 7.18 24.78
CA ILE A 232 -15.00 6.08 24.55
C ILE A 232 -15.58 5.71 25.91
N LYS A 233 -16.86 6.02 26.09
CA LYS A 233 -17.56 5.78 27.34
C LYS A 233 -17.92 4.35 27.66
N ARG A 234 -17.59 3.42 26.76
CA ARG A 234 -17.98 2.03 26.98
C ARG A 234 -17.07 1.03 26.28
N LYS A 235 -17.11 -0.22 26.74
CA LYS A 235 -16.32 -1.29 26.13
C LYS A 235 -17.26 -2.41 25.78
N PRO A 236 -17.75 -2.43 24.53
CA PRO A 236 -18.68 -3.46 24.03
C PRO A 236 -18.09 -4.88 24.07
N GLU A 237 -18.95 -5.87 23.86
CA GLU A 237 -18.54 -7.27 23.86
C GLU A 237 -17.64 -7.60 22.68
N SER A 238 -17.91 -6.97 21.55
CA SER A 238 -17.12 -7.19 20.35
C SER A 238 -16.96 -5.91 19.55
N ILE A 239 -16.02 -5.91 18.62
CA ILE A 239 -15.72 -4.79 17.74
C ILE A 239 -16.96 -4.38 16.95
N PHE A 240 -17.96 -5.25 16.91
CA PHE A 240 -19.19 -4.98 16.16
C PHE A 240 -20.35 -4.43 16.98
N ASP A 241 -20.14 -4.21 18.27
CA ASP A 241 -21.20 -3.71 19.12
C ASP A 241 -21.15 -2.23 19.49
N TYR A 242 -20.24 -1.49 18.86
CA TYR A 242 -20.14 -0.07 19.16
C TYR A 242 -21.35 0.67 18.59
N ARG A 243 -21.76 1.73 19.26
CA ARG A 243 -22.87 2.55 18.79
C ARG A 243 -22.39 3.98 18.75
N PHE A 244 -23.09 4.81 18.00
CA PHE A 244 -22.72 6.22 17.89
C PHE A 244 -22.48 6.91 19.23
N GLU A 245 -23.35 6.67 20.20
CA GLU A 245 -23.22 7.31 21.50
C GLU A 245 -22.05 6.88 22.38
N ASP A 246 -21.47 5.71 22.12
CA ASP A 246 -20.33 5.27 22.92
C ASP A 246 -19.17 6.23 22.72
N PHE A 247 -19.21 7.00 21.65
CA PHE A 247 -18.14 7.93 21.34
C PHE A 247 -18.43 9.34 21.80
N GLU A 248 -17.36 10.07 22.10
CA GLU A 248 -17.47 11.45 22.57
C GLU A 248 -16.16 12.17 22.25
N ILE A 249 -16.24 13.25 21.46
CA ILE A 249 -15.06 14.03 21.09
C ILE A 249 -15.04 15.29 21.94
N GLU A 250 -13.92 15.51 22.63
CA GLU A 250 -13.77 16.68 23.50
C GLU A 250 -12.78 17.70 22.95
N GLY A 251 -13.08 18.96 23.24
CA GLY A 251 -12.22 20.05 22.82
C GLY A 251 -12.10 20.31 21.33
N TYR A 252 -13.20 20.18 20.60
CA TYR A 252 -13.15 20.42 19.16
C TYR A 252 -13.67 21.82 18.84
N ASP A 253 -12.73 22.73 18.62
CA ASP A 253 -13.04 24.14 18.30
C ASP A 253 -12.34 24.53 16.99
N PRO A 254 -12.94 24.17 15.84
CA PRO A 254 -12.40 24.45 14.51
C PRO A 254 -12.83 25.75 13.85
N HIS A 255 -11.97 26.24 12.94
CA HIS A 255 -12.25 27.43 12.17
C HIS A 255 -13.58 27.16 11.44
N PRO A 256 -14.06 28.13 10.65
CA PRO A 256 -15.32 27.90 9.94
C PRO A 256 -15.21 26.88 8.82
N GLY A 257 -16.31 26.19 8.54
CA GLY A 257 -16.32 25.23 7.46
C GLY A 257 -16.17 25.93 6.11
N ILE A 258 -15.75 25.16 5.11
CA ILE A 258 -15.57 25.67 3.75
C ILE A 258 -16.28 24.69 2.83
N LYS A 259 -17.07 25.21 1.88
CA LYS A 259 -17.80 24.33 0.97
C LYS A 259 -17.15 24.16 -0.39
N ALA A 260 -17.33 22.96 -0.96
CA ALA A 260 -16.75 22.66 -2.27
C ALA A 260 -17.55 21.55 -2.96
N PRO A 261 -17.52 21.55 -4.31
CA PRO A 261 -18.23 20.58 -5.14
C PRO A 261 -17.64 19.17 -5.00
N VAL A 262 -18.48 18.15 -5.11
CA VAL A 262 -18.02 16.77 -5.02
C VAL A 262 -17.96 16.21 -6.43
N ALA A 263 -16.76 15.93 -6.92
CA ALA A 263 -16.58 15.37 -8.27
C ALA A 263 -17.17 13.97 -8.32
N ILE A 264 -18.20 13.80 -9.15
CA ILE A 264 -18.86 12.51 -9.27
C ILE A 264 -18.25 11.66 -10.37
N CXM B 1 23.15 2.31 -1.93
CA CXM B 1 22.72 3.69 -2.26
CB CXM B 1 21.62 3.66 -3.35
CG CXM B 1 20.48 2.66 -3.16
SD CXM B 1 19.80 2.04 -4.76
CE CXM B 1 19.40 3.56 -5.55
C CXM B 1 22.26 4.43 -1.00
O CXM B 1 21.80 3.80 -0.05
CN CXM B 1 24.13 1.74 -2.60
ON1 CXM B 1 24.41 0.55 -2.32
ON2 CXM B 1 24.69 2.34 -3.56
N LYS B 2 22.42 5.75 -1.00
CA LYS B 2 22.09 6.55 0.16
C LYS B 2 20.76 6.28 0.83
N GLN B 3 19.68 6.24 0.06
CA GLN B 3 18.36 5.97 0.62
C GLN B 3 18.41 4.66 1.41
N TYR B 4 18.88 3.60 0.75
CA TYR B 4 18.99 2.27 1.34
C TYR B 4 19.83 2.23 2.62
N LEU B 5 20.98 2.89 2.60
CA LEU B 5 21.84 2.92 3.79
C LEU B 5 21.21 3.71 4.91
N GLU B 6 20.48 4.77 4.58
CA GLU B 6 19.84 5.57 5.59
C GLU B 6 18.78 4.72 6.29
N LEU B 7 17.93 4.07 5.51
CA LEU B 7 16.88 3.22 6.09
C LEU B 7 17.52 2.14 6.96
N MET B 8 18.64 1.60 6.49
CA MET B 8 19.37 0.57 7.21
C MET B 8 19.83 1.10 8.57
N GLN B 9 20.35 2.32 8.57
CA GLN B 9 20.81 2.96 9.79
C GLN B 9 19.62 3.22 10.72
N LYS B 10 18.50 3.66 10.13
CA LYS B 10 17.27 3.94 10.87
C LYS B 10 16.79 2.74 11.66
N VAL B 11 16.83 1.57 11.04
CA VAL B 11 16.40 0.34 11.68
C VAL B 11 17.24 0.05 12.93
N LEU B 12 18.54 0.26 12.84
CA LEU B 12 19.42 0.03 13.99
C LEU B 12 19.13 1.05 15.09
N ASP B 13 19.00 2.32 14.73
CA ASP B 13 18.74 3.37 15.71
C ASP B 13 17.36 3.35 16.36
N GLU B 14 16.32 3.13 15.56
CA GLU B 14 14.95 3.14 16.09
C GLU B 14 14.29 1.77 16.16
N GLY B 15 14.87 0.79 15.47
CA GLY B 15 14.28 -0.54 15.47
C GLY B 15 13.83 -1.04 16.84
N THR B 16 12.82 -1.90 16.84
CA THR B 16 12.29 -2.47 18.06
C THR B 16 12.62 -3.96 18.01
N GLN B 17 12.87 -4.57 19.17
CA GLN B 17 13.20 -5.98 19.21
C GLN B 17 11.92 -6.81 19.15
N LYS B 18 11.81 -7.65 18.12
CA LYS B 18 10.64 -8.50 17.96
C LYS B 18 10.99 -9.96 17.73
N ASN B 19 10.09 -10.83 18.14
CA ASN B 19 10.23 -12.27 18.00
C ASN B 19 9.32 -12.70 16.84
N ASP B 20 9.90 -12.89 15.67
CA ASP B 20 9.12 -13.28 14.48
C ASP B 20 8.90 -14.78 14.38
N ARG B 21 8.11 -15.20 13.39
CA ARG B 21 7.79 -16.61 13.21
C ARG B 21 8.99 -17.53 12.99
N THR B 22 10.11 -17.00 12.50
CA THR B 22 11.29 -17.83 12.26
C THR B 22 12.00 -18.12 13.58
N GLY B 23 11.74 -17.28 14.58
CA GLY B 23 12.36 -17.46 15.88
C GLY B 23 13.76 -16.90 15.96
N THR B 24 14.19 -16.23 14.90
CA THR B 24 15.53 -15.64 14.85
C THR B 24 15.56 -14.30 15.58
N GLY B 25 14.46 -13.57 15.52
CA GLY B 25 14.40 -12.27 16.15
C GLY B 25 14.78 -11.20 15.14
N THR B 26 14.18 -10.03 15.25
CA THR B 26 14.48 -8.94 14.34
C THR B 26 14.52 -7.60 15.03
N LEU B 27 14.97 -6.62 14.28
CA LEU B 27 15.03 -5.24 14.73
C LEU B 27 14.11 -4.61 13.67
N SER B 28 12.98 -4.03 14.10
CA SER B 28 12.08 -3.49 13.11
C SER B 28 11.36 -2.18 13.38
N ILE B 29 10.98 -1.53 12.29
CA ILE B 29 10.23 -0.28 12.34
C ILE B 29 9.01 -0.52 11.46
N PHE B 30 7.99 0.31 11.64
CA PHE B 30 6.78 0.19 10.86
C PHE B 30 6.51 1.51 10.12
N GLY B 31 6.37 1.42 8.79
CA GLY B 31 6.09 2.62 8.01
C GLY B 31 7.31 3.41 7.56
N HIS B 32 7.66 3.26 6.29
CA HIS B 32 8.78 3.98 5.72
C HIS B 32 8.61 4.11 4.20
N GLN B 33 9.11 5.20 3.62
CA GLN B 33 8.97 5.44 2.17
C GLN B 33 10.24 5.97 1.49
N MET B 34 10.64 5.32 0.41
CA MET B 34 11.83 5.75 -0.34
C MET B 34 11.45 6.05 -1.78
N ARG B 35 12.12 7.03 -2.36
CA ARG B 35 11.83 7.44 -3.72
C ARG B 35 13.06 7.30 -4.62
N PHE B 36 12.91 6.65 -5.77
CA PHE B 36 14.01 6.49 -6.70
C PHE B 36 13.69 7.06 -8.08
N ASN B 37 14.33 8.16 -8.44
CA ASN B 37 14.13 8.76 -9.75
C ASN B 37 14.94 7.90 -10.71
N LEU B 38 14.26 7.12 -11.55
CA LEU B 38 14.94 6.24 -12.49
C LEU B 38 15.72 6.96 -13.58
N GLN B 39 15.59 8.29 -13.65
CA GLN B 39 16.32 9.07 -14.65
C GLN B 39 17.80 9.01 -14.26
N ASP B 40 18.03 8.96 -12.94
CA ASP B 40 19.39 8.92 -12.39
C ASP B 40 20.02 7.53 -12.46
N GLY B 41 19.39 6.61 -13.18
CA GLY B 41 19.94 5.27 -13.32
C GLY B 41 19.30 4.17 -12.49
N PHE B 42 19.59 2.92 -12.85
CA PHE B 42 19.04 1.75 -12.16
C PHE B 42 19.40 1.79 -10.68
N PRO B 43 18.40 1.64 -9.80
CA PRO B 43 18.67 1.66 -8.36
C PRO B 43 19.17 0.34 -7.79
N LEU B 44 20.23 -0.20 -8.39
CA LEU B 44 20.84 -1.46 -7.95
C LEU B 44 21.96 -1.15 -6.98
N VAL B 45 21.85 -1.62 -5.74
CA VAL B 45 22.88 -1.32 -4.72
C VAL B 45 24.32 -1.59 -5.13
N THR B 46 25.21 -0.69 -4.74
CA THR B 46 26.63 -0.81 -5.06
C THR B 46 27.49 -1.10 -3.84
N THR B 47 26.98 -0.85 -2.64
CA THR B 47 27.76 -1.12 -1.44
C THR B 47 27.87 -2.63 -1.19
N LYS B 48 27.40 -3.41 -2.16
CA LYS B 48 27.44 -4.87 -2.10
C LYS B 48 26.99 -5.42 -3.46
N ARG B 49 27.74 -6.38 -4.01
CA ARG B 49 27.39 -6.94 -5.31
C ARG B 49 26.10 -7.76 -5.24
N CYS B 50 25.23 -7.59 -6.24
CA CYS B 50 23.97 -8.31 -6.29
C CYS B 50 23.84 -9.22 -7.51
N HIS B 51 23.43 -10.45 -7.27
CA HIS B 51 23.25 -11.44 -8.32
C HIS B 51 22.09 -10.94 -9.19
N LEU B 52 22.41 -10.49 -10.41
CA LEU B 52 21.39 -9.96 -11.30
C LEU B 52 20.63 -10.94 -12.17
N ARG B 53 21.18 -12.13 -12.39
CA ARG B 53 20.49 -13.09 -13.24
C ARG B 53 19.29 -13.69 -12.51
N SER B 54 19.36 -13.70 -11.18
CA SER B 54 18.28 -14.24 -10.38
C SER B 54 17.16 -13.21 -10.21
N ILE B 55 17.52 -11.93 -10.26
CA ILE B 55 16.53 -10.86 -10.14
C ILE B 55 15.73 -10.76 -11.44
N ILE B 56 16.42 -10.98 -12.56
CA ILE B 56 15.79 -10.91 -13.87
C ILE B 56 14.96 -12.14 -14.19
N HIS B 57 15.48 -13.33 -13.95
CA HIS B 57 14.72 -14.54 -14.23
C HIS B 57 13.47 -14.64 -13.36
N GLU B 58 13.57 -14.23 -12.09
CA GLU B 58 12.41 -14.28 -11.19
C GLU B 58 11.30 -13.42 -11.80
N LEU B 59 11.64 -12.16 -12.09
CA LEU B 59 10.68 -11.22 -12.67
C LEU B 59 10.04 -11.76 -13.94
N LEU B 60 10.85 -12.32 -14.82
CA LEU B 60 10.32 -12.87 -16.07
C LEU B 60 9.50 -14.11 -15.76
N TRP B 61 9.85 -14.78 -14.66
CA TRP B 61 9.16 -15.97 -14.22
C TRP B 61 7.74 -15.55 -13.82
N PHE B 62 7.65 -14.44 -13.08
CA PHE B 62 6.35 -13.90 -12.67
C PHE B 62 5.48 -13.62 -13.90
N LEU B 63 5.99 -12.79 -14.80
CA LEU B 63 5.27 -12.40 -16.01
C LEU B 63 4.71 -13.53 -16.86
N GLN B 64 5.26 -14.73 -16.72
CA GLN B 64 4.76 -15.87 -17.49
C GLN B 64 3.59 -16.52 -16.75
N GLY B 65 3.41 -16.12 -15.49
CA GLY B 65 2.34 -16.66 -14.68
C GLY B 65 2.69 -18.03 -14.14
N ASP B 66 3.98 -18.21 -13.85
CA ASP B 66 4.49 -19.48 -13.36
C ASP B 66 4.69 -19.45 -11.84
N THR B 67 4.24 -20.53 -11.19
CA THR B 67 4.37 -20.65 -9.74
C THR B 67 5.33 -21.75 -9.33
N ASN B 68 5.76 -22.55 -10.29
CA ASN B 68 6.69 -23.66 -10.01
C ASN B 68 8.14 -23.21 -10.23
N ILE B 69 9.04 -23.60 -9.33
CA ILE B 69 10.44 -23.19 -9.45
C ILE B 69 11.24 -23.97 -10.48
N ALA B 70 10.56 -24.73 -11.34
CA ALA B 70 11.24 -25.49 -12.38
C ALA B 70 12.05 -24.51 -13.23
N TYR B 71 11.34 -23.55 -13.84
CA TYR B 71 11.95 -22.54 -14.68
C TYR B 71 13.21 -21.93 -14.05
N LEU B 72 13.12 -21.56 -12.78
CA LEU B 72 14.26 -20.95 -12.09
C LEU B 72 15.48 -21.87 -12.02
N HIS B 73 15.26 -23.18 -11.98
CA HIS B 73 16.36 -24.13 -11.93
C HIS B 73 17.03 -24.13 -13.30
N GLU B 74 16.21 -24.28 -14.33
CA GLU B 74 16.65 -24.29 -15.71
C GLU B 74 17.71 -23.22 -15.93
N ASN B 75 17.66 -22.16 -15.13
CA ASN B 75 18.60 -21.05 -15.24
C ASN B 75 19.44 -20.78 -13.99
N ASN B 76 19.62 -21.80 -13.15
CA ASN B 76 20.42 -21.68 -11.94
C ASN B 76 20.02 -20.57 -10.98
N VAL B 77 18.75 -20.55 -10.58
CA VAL B 77 18.26 -19.56 -9.63
C VAL B 77 17.70 -20.34 -8.45
N THR B 78 18.31 -20.15 -7.28
CA THR B 78 17.89 -20.86 -6.08
C THR B 78 17.39 -19.99 -4.93
N ILE B 79 16.59 -18.98 -5.24
CA ILE B 79 16.08 -18.11 -4.19
C ILE B 79 14.74 -18.59 -3.64
N TRP B 80 14.05 -19.43 -4.40
CA TRP B 80 12.76 -19.97 -3.97
C TRP B 80 12.76 -21.48 -3.81
N ASP B 81 13.81 -22.02 -3.22
CA ASP B 81 13.89 -23.47 -3.02
C ASP B 81 13.37 -23.90 -1.65
N GLU B 82 13.74 -23.14 -0.62
CA GLU B 82 13.33 -23.44 0.76
C GLU B 82 11.84 -23.26 1.02
N TRP B 83 11.03 -23.18 -0.04
CA TRP B 83 9.59 -23.00 0.11
C TRP B 83 8.76 -23.81 -0.87
N ALA B 84 9.42 -24.50 -1.81
CA ALA B 84 8.70 -25.30 -2.79
C ALA B 84 8.45 -26.71 -2.24
N ASP B 85 7.31 -27.30 -2.60
CA ASP B 85 7.00 -28.64 -2.13
C ASP B 85 7.84 -29.69 -2.84
N GLU B 86 7.41 -30.95 -2.75
CA GLU B 86 8.12 -32.05 -3.39
C GLU B 86 8.14 -31.88 -4.92
N ASN B 87 7.04 -31.37 -5.48
CA ASN B 87 6.93 -31.17 -6.91
C ASN B 87 7.57 -29.85 -7.36
N GLY B 88 7.89 -28.99 -6.40
CA GLY B 88 8.50 -27.72 -6.72
C GLY B 88 7.52 -26.56 -6.74
N ASP B 89 6.24 -26.85 -6.51
CA ASP B 89 5.20 -25.83 -6.50
C ASP B 89 5.30 -24.94 -5.27
N LEU B 90 4.87 -23.70 -5.41
CA LEU B 90 4.89 -22.75 -4.30
C LEU B 90 3.45 -22.34 -3.95
N GLY B 91 2.51 -22.70 -4.83
CA GLY B 91 1.12 -22.34 -4.64
C GLY B 91 0.79 -21.20 -5.59
N PRO B 92 -0.47 -20.75 -5.63
CA PRO B 92 -0.78 -19.65 -6.54
C PRO B 92 -0.21 -18.31 -6.07
N VAL B 93 1.11 -18.24 -5.96
CA VAL B 93 1.77 -17.02 -5.51
C VAL B 93 1.81 -15.96 -6.61
N TYR B 94 2.66 -14.95 -6.42
CA TYR B 94 2.79 -13.84 -7.35
C TYR B 94 2.35 -14.08 -8.79
N GLY B 95 3.15 -14.85 -9.52
CA GLY B 95 2.84 -15.13 -10.91
C GLY B 95 1.41 -15.49 -11.21
N LYS B 96 0.82 -16.37 -10.41
CA LYS B 96 -0.54 -16.79 -10.63
C LYS B 96 -1.55 -15.64 -10.53
N GLN B 97 -1.39 -14.82 -9.49
CA GLN B 97 -2.28 -13.68 -9.26
C GLN B 97 -2.11 -12.57 -10.29
N TRP B 98 -0.89 -12.37 -10.79
CA TRP B 98 -0.63 -11.32 -11.77
C TRP B 98 -1.28 -11.64 -13.10
N ARG B 99 -1.11 -12.89 -13.53
CA ARG B 99 -1.60 -13.34 -14.82
C ARG B 99 -3.00 -13.97 -14.86
N ALA B 100 -3.45 -14.52 -13.74
CA ALA B 100 -4.77 -15.14 -13.74
C ALA B 100 -5.42 -15.16 -12.36
N TRP B 101 -5.90 -14.00 -11.94
CA TRP B 101 -6.57 -13.89 -10.66
C TRP B 101 -7.88 -14.66 -10.85
N PRO B 102 -8.10 -15.73 -10.07
CA PRO B 102 -9.31 -16.54 -10.19
C PRO B 102 -10.54 -15.91 -9.51
N THR B 103 -11.56 -15.62 -10.31
CA THR B 103 -12.79 -15.02 -9.81
C THR B 103 -13.68 -16.09 -9.19
N PRO B 104 -14.69 -15.68 -8.41
CA PRO B 104 -15.60 -16.63 -7.77
C PRO B 104 -16.49 -17.39 -8.75
N ASP B 105 -16.47 -17.02 -10.02
CA ASP B 105 -17.31 -17.68 -11.01
C ASP B 105 -16.61 -18.37 -12.18
N GLY B 106 -15.41 -18.88 -11.94
CA GLY B 106 -14.69 -19.58 -12.99
C GLY B 106 -13.77 -18.78 -13.89
N ARG B 107 -14.15 -17.55 -14.22
CA ARG B 107 -13.34 -16.70 -15.09
C ARG B 107 -11.98 -16.35 -14.46
N HIS B 108 -11.06 -15.84 -15.29
CA HIS B 108 -9.74 -15.47 -14.82
C HIS B 108 -9.44 -14.03 -15.26
N ILE B 109 -8.67 -13.31 -14.45
CA ILE B 109 -8.33 -11.92 -14.78
C ILE B 109 -6.83 -11.75 -14.90
N ASP B 110 -6.40 -11.21 -16.04
CA ASP B 110 -4.98 -10.97 -16.32
C ASP B 110 -4.68 -9.52 -15.94
N GLN B 111 -4.17 -9.30 -14.74
CA GLN B 111 -3.88 -7.95 -14.29
C GLN B 111 -2.81 -7.24 -15.10
N ILE B 112 -1.85 -8.00 -15.62
CA ILE B 112 -0.77 -7.40 -16.41
C ILE B 112 -1.34 -6.89 -17.74
N THR B 113 -2.08 -7.73 -18.44
CA THR B 113 -2.68 -7.28 -19.70
C THR B 113 -3.59 -6.08 -19.40
N THR B 114 -4.38 -6.17 -18.34
CA THR B 114 -5.28 -5.08 -17.98
C THR B 114 -4.50 -3.77 -17.83
N VAL B 115 -3.39 -3.83 -17.10
CA VAL B 115 -2.55 -2.68 -16.87
C VAL B 115 -1.98 -2.14 -18.17
N LEU B 116 -1.47 -3.04 -19.00
CA LEU B 116 -0.90 -2.65 -20.29
C LEU B 116 -1.92 -1.82 -21.07
N ASN B 117 -3.16 -2.30 -21.10
CA ASN B 117 -4.21 -1.61 -21.81
C ASN B 117 -4.65 -0.30 -21.16
N GLN B 118 -4.57 -0.23 -19.83
CA GLN B 118 -4.92 1.01 -19.14
C GLN B 118 -3.88 2.06 -19.47
N LEU B 119 -2.61 1.65 -19.48
CA LEU B 119 -1.52 2.55 -19.79
C LEU B 119 -1.56 3.07 -21.22
N LYS B 120 -2.17 2.32 -22.13
CA LYS B 120 -2.24 2.76 -23.52
C LYS B 120 -3.51 3.51 -23.89
N ASN B 121 -4.62 3.22 -23.20
CA ASN B 121 -5.90 3.86 -23.52
C ASN B 121 -6.49 4.79 -22.45
N ASP B 122 -6.02 4.68 -21.22
CA ASP B 122 -6.53 5.50 -20.13
C ASP B 122 -5.40 5.76 -19.13
N PRO B 123 -4.36 6.47 -19.57
CA PRO B 123 -3.22 6.76 -18.68
C PRO B 123 -3.47 7.65 -17.46
N ASP B 124 -4.55 8.44 -17.47
CA ASP B 124 -4.84 9.29 -16.33
C ASP B 124 -5.53 8.50 -15.22
N SER B 125 -5.91 7.27 -15.54
CA SER B 125 -6.59 6.42 -14.57
C SER B 125 -5.85 6.40 -13.24
N ARG B 126 -6.62 6.35 -12.15
CA ARG B 126 -6.06 6.30 -10.81
C ARG B 126 -6.27 4.91 -10.23
N ARG B 127 -6.57 3.95 -11.12
CA ARG B 127 -6.82 2.58 -10.73
C ARG B 127 -5.88 1.62 -11.47
N ILE B 128 -4.73 2.10 -11.91
CA ILE B 128 -3.81 1.21 -12.62
C ILE B 128 -3.04 0.46 -11.55
N ILE B 129 -3.65 -0.63 -11.10
CA ILE B 129 -3.13 -1.43 -10.01
C ILE B 129 -3.13 -2.93 -10.27
N VAL B 130 -2.14 -3.60 -9.69
CA VAL B 130 -2.09 -5.04 -9.77
C VAL B 130 -1.82 -5.50 -8.35
N SER B 131 -2.67 -6.38 -7.85
CA SER B 131 -2.55 -6.89 -6.51
C SER B 131 -2.28 -8.38 -6.46
N ALA B 132 -1.43 -8.78 -5.53
CA ALA B 132 -1.10 -10.18 -5.34
C ALA B 132 -1.75 -10.68 -4.06
N TRP B 133 -2.40 -9.78 -3.34
CA TRP B 133 -3.03 -10.14 -2.08
C TRP B 133 -4.45 -10.66 -2.26
N ASN B 134 -4.54 -11.89 -2.78
CA ASN B 134 -5.83 -12.52 -3.01
C ASN B 134 -6.20 -13.25 -1.71
N VAL B 135 -6.92 -12.55 -0.84
CA VAL B 135 -7.36 -13.09 0.45
C VAL B 135 -7.88 -14.54 0.32
N GLY B 136 -8.64 -14.79 -0.74
CA GLY B 136 -9.22 -16.11 -0.95
C GLY B 136 -8.26 -17.25 -1.17
N GLU B 137 -6.98 -16.97 -1.39
CA GLU B 137 -6.01 -18.03 -1.63
C GLU B 137 -4.74 -17.95 -0.79
N LEU B 138 -4.73 -17.08 0.22
CA LEU B 138 -3.55 -16.93 1.05
C LEU B 138 -3.11 -18.21 1.73
N ASP B 139 -4.07 -19.06 2.11
CA ASP B 139 -3.73 -20.31 2.79
C ASP B 139 -3.12 -21.34 1.83
N LYS B 140 -3.38 -21.18 0.53
CA LYS B 140 -2.85 -22.08 -0.47
C LYS B 140 -1.47 -21.65 -0.95
N MET B 141 -0.90 -20.63 -0.32
CA MET B 141 0.42 -20.15 -0.74
C MET B 141 1.52 -20.61 0.23
N ALA B 142 2.69 -20.91 -0.33
CA ALA B 142 3.83 -21.35 0.48
C ALA B 142 4.30 -20.20 1.38
N LEU B 143 4.11 -18.99 0.90
CA LEU B 143 4.51 -17.80 1.63
C LEU B 143 3.63 -16.66 1.12
N ALA B 144 3.01 -15.94 2.06
CA ALA B 144 2.13 -14.82 1.69
C ALA B 144 2.97 -13.77 0.98
N PRO B 145 2.42 -13.16 -0.08
CA PRO B 145 3.17 -12.15 -0.81
C PRO B 145 3.80 -11.09 0.11
N CYS B 146 5.06 -10.74 -0.14
CA CYS B 146 5.76 -9.71 0.63
C CYS B 146 5.51 -8.40 -0.13
N HIS B 147 5.88 -8.38 -1.41
CA HIS B 147 5.60 -7.20 -2.23
C HIS B 147 4.23 -7.58 -2.75
N ALA B 148 3.19 -6.99 -2.15
CA ALA B 148 1.83 -7.38 -2.48
C ALA B 148 0.93 -6.46 -3.28
N PHE B 149 1.26 -5.19 -3.36
CA PHE B 149 0.37 -4.27 -4.02
C PHE B 149 1.13 -3.14 -4.69
N PHE B 150 0.96 -2.99 -6.01
CA PHE B 150 1.62 -1.87 -6.67
C PHE B 150 0.74 -1.12 -7.66
N GLN B 151 1.02 0.17 -7.78
CA GLN B 151 0.25 1.06 -8.64
C GLN B 151 1.12 1.85 -9.62
N PHE B 152 0.61 1.97 -10.84
CA PHE B 152 1.28 2.71 -11.89
C PHE B 152 0.62 4.08 -11.99
N TYR B 153 1.39 5.07 -12.42
CA TYR B 153 0.91 6.43 -12.49
C TYR B 153 1.60 7.09 -13.68
N VAL B 154 0.86 7.90 -14.45
CA VAL B 154 1.44 8.57 -15.60
C VAL B 154 1.32 10.07 -15.46
N ALA B 155 2.36 10.79 -15.89
CA ALA B 155 2.38 12.25 -15.80
C ALA B 155 3.51 12.78 -16.67
N ASP B 156 3.21 13.80 -17.46
CA ASP B 156 4.18 14.40 -18.36
C ASP B 156 4.95 13.35 -19.13
N GLY B 157 4.24 12.36 -19.65
CA GLY B 157 4.87 11.30 -20.41
C GLY B 157 5.78 10.34 -19.65
N LYS B 158 5.84 10.49 -18.32
CA LYS B 158 6.66 9.65 -17.45
C LYS B 158 5.83 8.59 -16.70
N LEU B 159 6.34 7.36 -16.65
CA LEU B 159 5.66 6.25 -15.98
C LEU B 159 6.26 5.96 -14.61
N SER B 160 5.51 6.23 -13.54
CA SER B 160 5.97 5.98 -12.18
C SER B 160 5.28 4.76 -11.58
N CYS B 161 5.81 4.25 -10.48
CA CYS B 161 5.26 3.08 -9.83
C CYS B 161 5.55 3.07 -8.33
N GLN B 162 4.52 2.81 -7.54
CA GLN B 162 4.66 2.72 -6.10
C GLN B 162 4.36 1.30 -5.68
N LEU B 163 5.23 0.73 -4.85
CA LEU B 163 5.08 -0.63 -4.37
C LEU B 163 4.78 -0.63 -2.88
N TYR B 164 3.85 -1.48 -2.46
CA TYR B 164 3.56 -1.60 -1.05
C TYR B 164 4.11 -2.95 -0.63
N GLN B 165 5.09 -2.93 0.26
CA GLN B 165 5.70 -4.16 0.75
C GLN B 165 5.35 -4.25 2.22
N ARG B 166 4.48 -5.21 2.55
CA ARG B 166 4.02 -5.40 3.92
C ARG B 166 5.10 -5.96 4.84
N SER B 167 6.04 -6.72 4.27
CA SER B 167 7.12 -7.31 5.05
C SER B 167 8.44 -7.19 4.28
N CYS B 168 9.46 -6.68 4.95
CA CYS B 168 10.74 -6.50 4.27
C CYS B 168 12.01 -6.84 5.05
N ASP B 169 12.78 -7.77 4.51
CA ASP B 169 14.06 -8.19 5.06
C ASP B 169 15.03 -7.16 4.47
N VAL B 170 15.33 -6.11 5.21
CA VAL B 170 16.20 -5.06 4.70
C VAL B 170 17.51 -5.52 4.08
N PHE B 171 18.21 -6.47 4.70
CA PHE B 171 19.50 -6.90 4.15
C PHE B 171 19.47 -7.85 2.95
N LEU B 172 18.68 -8.91 3.02
CA LEU B 172 18.64 -9.83 1.89
C LEU B 172 17.66 -9.45 0.78
N GLY B 173 16.39 -9.30 1.13
CA GLY B 173 15.38 -8.98 0.13
C GLY B 173 15.23 -7.58 -0.45
N LEU B 174 15.30 -6.55 0.38
CA LEU B 174 15.12 -5.20 -0.12
C LEU B 174 15.91 -4.85 -1.38
N PRO B 175 17.20 -5.27 -1.47
CA PRO B 175 17.97 -4.94 -2.67
C PRO B 175 17.37 -5.58 -3.94
N PHE B 176 16.98 -6.85 -3.84
CA PHE B 176 16.40 -7.56 -4.97
C PHE B 176 15.05 -6.98 -5.37
N ASN B 177 14.18 -6.78 -4.38
CA ASN B 177 12.85 -6.24 -4.64
C ASN B 177 12.91 -4.91 -5.39
N ILE B 178 13.72 -3.98 -4.89
CA ILE B 178 13.84 -2.67 -5.51
C ILE B 178 14.20 -2.78 -6.98
N ALA B 179 15.28 -3.48 -7.27
CA ALA B 179 15.72 -3.65 -8.66
C ALA B 179 14.67 -4.37 -9.50
N SER B 180 14.01 -5.36 -8.90
CA SER B 180 13.01 -6.14 -9.63
C SER B 180 11.90 -5.26 -10.21
N TYR B 181 11.37 -4.34 -9.40
CA TYR B 181 10.30 -3.46 -9.87
C TYR B 181 10.80 -2.37 -10.78
N ALA B 182 11.97 -1.81 -10.45
CA ALA B 182 12.58 -0.77 -11.28
C ALA B 182 12.69 -1.36 -12.67
N LEU B 183 13.02 -2.64 -12.71
CA LEU B 183 13.16 -3.36 -13.96
C LEU B 183 11.82 -3.41 -14.69
N LEU B 184 10.77 -3.82 -13.97
CA LEU B 184 9.44 -3.90 -14.55
C LEU B 184 9.01 -2.56 -15.15
N VAL B 185 9.22 -1.49 -14.38
CA VAL B 185 8.86 -0.15 -14.84
C VAL B 185 9.50 0.16 -16.20
N HIS B 186 10.75 -0.25 -16.38
CA HIS B 186 11.43 -0.02 -17.64
C HIS B 186 10.77 -0.84 -18.75
N MET B 187 10.37 -2.06 -18.44
CA MET B 187 9.72 -2.92 -19.42
C MET B 187 8.35 -2.37 -19.81
N MET B 188 7.62 -1.87 -18.81
CA MET B 188 6.29 -1.30 -19.04
C MET B 188 6.40 -0.04 -19.87
N ALA B 189 7.38 0.79 -19.55
CA ALA B 189 7.59 2.04 -20.27
C ALA B 189 7.89 1.78 -21.75
N GLN B 190 8.74 0.80 -22.03
CA GLN B 190 9.09 0.50 -23.41
C GLN B 190 7.90 0.01 -24.23
N GLN B 191 7.06 -0.83 -23.64
CA GLN B 191 5.90 -1.35 -24.35
C GLN B 191 4.80 -0.29 -24.51
N CYS B 192 4.97 0.86 -23.88
CA CYS B 192 3.97 1.92 -23.95
C CYS B 192 4.56 3.28 -24.34
N ASP B 193 5.67 3.25 -25.09
CA ASP B 193 6.33 4.46 -25.53
C ASP B 193 6.22 5.59 -24.52
N LEU B 194 6.68 5.33 -23.30
CA LEU B 194 6.66 6.32 -22.22
C LEU B 194 8.06 6.32 -21.63
N GLU B 195 8.41 7.40 -20.94
CA GLU B 195 9.71 7.51 -20.32
C GLU B 195 9.59 7.01 -18.88
N VAL B 196 10.70 6.54 -18.30
CA VAL B 196 10.64 6.06 -16.92
C VAL B 196 10.54 7.26 -16.00
N GLY B 197 9.81 7.10 -14.89
CA GLY B 197 9.66 8.19 -13.94
C GLY B 197 10.23 7.80 -12.58
N ASP B 198 9.41 7.89 -11.55
CA ASP B 198 9.85 7.55 -10.20
C ASP B 198 9.39 6.17 -9.75
N PHE B 199 10.20 5.55 -8.90
CA PHE B 199 9.82 4.28 -8.30
C PHE B 199 9.74 4.60 -6.82
N VAL B 200 8.53 4.52 -6.26
CA VAL B 200 8.33 4.80 -4.85
C VAL B 200 8.13 3.49 -4.07
N TRP B 201 9.01 3.24 -3.09
CA TRP B 201 8.92 2.03 -2.28
C TRP B 201 8.35 2.40 -0.92
N THR B 202 7.31 1.68 -0.51
CA THR B 202 6.66 1.91 0.79
C THR B 202 6.65 0.59 1.53
N GLY B 203 7.10 0.60 2.79
CA GLY B 203 7.15 -0.63 3.55
C GLY B 203 6.34 -0.71 4.83
N GLY B 204 5.89 -1.92 5.14
CA GLY B 204 5.13 -2.15 6.35
C GLY B 204 6.10 -2.49 7.47
N ASP B 205 6.22 -3.78 7.78
CA ASP B 205 7.14 -4.21 8.82
C ASP B 205 8.51 -4.33 8.17
N THR B 206 9.34 -3.29 8.35
CA THR B 206 10.69 -3.24 7.77
C THR B 206 11.68 -3.68 8.83
N HIS B 207 12.39 -4.77 8.56
CA HIS B 207 13.28 -5.31 9.56
C HIS B 207 14.66 -5.75 9.12
N LEU B 208 15.48 -5.99 10.15
CA LEU B 208 16.86 -6.42 10.00
C LEU B 208 17.00 -7.60 10.97
N TYR B 209 17.34 -8.77 10.46
CA TYR B 209 17.47 -9.96 11.31
C TYR B 209 18.67 -9.91 12.26
N SER B 210 18.49 -10.46 13.46
CA SER B 210 19.54 -10.49 14.48
C SER B 210 20.86 -11.03 13.98
N ASN B 211 20.83 -12.00 13.08
CA ASN B 211 22.07 -12.56 12.57
C ASN B 211 22.55 -11.91 11.27
N HIS B 212 22.33 -10.60 11.16
CA HIS B 212 22.75 -9.83 10.00
C HIS B 212 23.52 -8.60 10.49
N MET B 213 23.51 -8.38 11.80
CA MET B 213 24.19 -7.24 12.41
C MET B 213 25.59 -7.02 11.86
N ASP B 214 26.41 -8.07 11.86
CA ASP B 214 27.77 -7.95 11.38
C ASP B 214 27.82 -7.53 9.91
N GLN B 215 27.06 -8.23 9.08
CA GLN B 215 27.03 -7.92 7.65
C GLN B 215 26.56 -6.49 7.42
N THR B 216 25.57 -6.05 8.20
CA THR B 216 25.03 -4.71 8.07
C THR B 216 26.12 -3.69 8.39
N HIS B 217 26.73 -3.81 9.57
CA HIS B 217 27.79 -2.89 9.97
C HIS B 217 28.88 -2.79 8.92
N LEU B 218 29.24 -3.94 8.34
CA LEU B 218 30.27 -3.96 7.32
C LEU B 218 29.84 -3.15 6.10
N GLN B 219 28.55 -3.23 5.76
CA GLN B 219 28.02 -2.50 4.60
C GLN B 219 27.85 -1.02 4.85
N LEU B 220 27.52 -0.64 6.08
CA LEU B 220 27.33 0.75 6.42
C LEU B 220 28.61 1.59 6.38
N SER B 221 29.76 0.92 6.47
CA SER B 221 31.03 1.64 6.45
C SER B 221 31.64 1.72 5.06
N ARG B 222 30.86 1.39 4.04
CA ARG B 222 31.35 1.45 2.66
C ARG B 222 30.65 2.60 1.96
N GLU B 223 31.33 3.24 1.01
CA GLU B 223 30.76 4.39 0.30
C GLU B 223 29.98 3.98 -0.94
N PRO B 224 28.81 4.59 -1.15
CA PRO B 224 27.98 4.28 -2.32
C PRO B 224 28.70 4.73 -3.59
N ARG B 225 28.43 4.05 -4.69
CA ARG B 225 29.06 4.39 -5.95
C ARG B 225 28.05 4.58 -7.08
N PRO B 226 28.23 5.62 -7.90
CA PRO B 226 27.35 5.94 -9.02
C PRO B 226 26.46 4.78 -9.49
N LEU B 227 25.16 5.05 -9.60
CA LEU B 227 24.22 4.03 -10.05
C LEU B 227 24.54 3.66 -11.47
N PRO B 228 24.29 2.40 -11.84
CA PRO B 228 24.56 1.92 -13.19
C PRO B 228 23.49 2.43 -14.18
N LYS B 229 23.42 1.80 -15.34
CA LYS B 229 22.46 2.20 -16.35
C LYS B 229 21.91 0.99 -17.06
N LEU B 230 20.58 0.87 -17.04
CA LEU B 230 19.90 -0.26 -17.65
C LEU B 230 19.78 -0.02 -19.16
N ILE B 231 20.15 -1.03 -19.94
CA ILE B 231 20.05 -0.95 -21.38
C ILE B 231 19.20 -2.11 -21.87
N ILE B 232 18.18 -1.80 -22.66
CA ILE B 232 17.32 -2.84 -23.21
C ILE B 232 17.69 -2.98 -24.68
N LYS B 233 18.54 -3.96 -24.96
CA LYS B 233 19.03 -4.22 -26.31
C LYS B 233 17.99 -4.23 -27.41
N ARG B 234 16.92 -5.00 -27.26
CA ARG B 234 15.89 -5.01 -28.29
C ARG B 234 14.54 -4.55 -27.73
N LYS B 235 13.48 -4.76 -28.52
CA LYS B 235 12.14 -4.40 -28.11
C LYS B 235 11.19 -5.48 -28.60
N PRO B 236 10.78 -6.38 -27.69
CA PRO B 236 9.86 -7.48 -28.02
C PRO B 236 8.50 -6.95 -28.45
N GLU B 237 7.71 -7.80 -29.09
CA GLU B 237 6.40 -7.40 -29.57
C GLU B 237 5.33 -7.41 -28.47
N SER B 238 5.75 -7.75 -27.25
CA SER B 238 4.85 -7.80 -26.10
C SER B 238 5.71 -7.81 -24.83
N ILE B 239 5.09 -7.47 -23.70
CA ILE B 239 5.83 -7.45 -22.45
C ILE B 239 6.09 -8.86 -21.94
N PHE B 240 5.38 -9.82 -22.53
CA PHE B 240 5.51 -11.21 -22.13
C PHE B 240 6.68 -11.96 -22.74
N ASP B 241 7.05 -11.63 -23.97
CA ASP B 241 8.16 -12.35 -24.57
C ASP B 241 9.53 -11.67 -24.51
N TYR B 242 9.94 -11.27 -23.30
CA TYR B 242 11.26 -10.68 -23.10
C TYR B 242 12.20 -11.85 -22.83
N ARG B 243 13.48 -11.57 -22.64
CA ARG B 243 14.45 -12.61 -22.40
C ARG B 243 15.65 -12.06 -21.63
N PHE B 244 16.35 -12.94 -20.90
CA PHE B 244 17.50 -12.54 -20.10
C PHE B 244 18.54 -11.74 -20.90
N GLU B 245 18.80 -12.18 -22.13
CA GLU B 245 19.78 -11.53 -23.00
C GLU B 245 19.43 -10.07 -23.28
N ASP B 246 18.14 -9.81 -23.47
CA ASP B 246 17.66 -8.46 -23.79
C ASP B 246 18.06 -7.38 -22.79
N PHE B 247 18.51 -7.77 -21.61
CA PHE B 247 18.89 -6.78 -20.61
C PHE B 247 20.38 -6.71 -20.42
N GLU B 248 20.86 -5.52 -20.10
CA GLU B 248 22.28 -5.32 -19.89
C GLU B 248 22.50 -4.08 -19.04
N ILE B 249 23.15 -4.25 -17.90
CA ILE B 249 23.42 -3.14 -16.99
C ILE B 249 24.84 -2.65 -17.27
N GLU B 250 25.00 -1.34 -17.32
CA GLU B 250 26.29 -0.73 -17.63
C GLU B 250 26.79 0.22 -16.55
N GLY B 251 28.07 0.12 -16.22
CA GLY B 251 28.65 1.00 -15.22
C GLY B 251 28.46 0.48 -13.80
N TYR B 252 28.24 -0.82 -13.67
CA TYR B 252 28.05 -1.41 -12.34
C TYR B 252 29.38 -1.82 -11.73
N ASP B 253 29.89 -1.00 -10.82
CA ASP B 253 31.16 -1.27 -10.18
C ASP B 253 30.91 -1.28 -8.68
N PRO B 254 30.37 -2.39 -8.16
CA PRO B 254 30.06 -2.57 -6.73
C PRO B 254 31.19 -3.07 -5.84
N HIS B 255 31.02 -2.91 -4.53
CA HIS B 255 31.96 -3.41 -3.54
C HIS B 255 31.71 -4.93 -3.52
N PRO B 256 32.67 -5.72 -3.01
CA PRO B 256 32.51 -7.17 -2.95
C PRO B 256 31.21 -7.59 -2.27
N GLY B 257 30.77 -8.80 -2.59
CA GLY B 257 29.53 -9.30 -2.03
C GLY B 257 29.70 -9.65 -0.57
N ILE B 258 28.57 -9.73 0.12
CA ILE B 258 28.52 -10.06 1.53
C ILE B 258 27.59 -11.25 1.75
N LYS B 259 28.15 -12.34 2.25
CA LYS B 259 27.42 -13.57 2.53
C LYS B 259 26.71 -13.52 3.88
N ALA B 260 25.47 -13.99 3.90
CA ALA B 260 24.65 -14.00 5.12
C ALA B 260 23.55 -15.05 5.01
N PRO B 261 23.18 -15.66 6.15
CA PRO B 261 22.14 -16.70 6.22
C PRO B 261 20.71 -16.17 6.02
N VAL B 262 19.88 -16.97 5.34
CA VAL B 262 18.50 -16.61 5.07
C VAL B 262 17.56 -17.23 6.11
N ALA B 263 16.62 -16.43 6.60
CA ALA B 263 15.65 -16.88 7.60
C ALA B 263 14.48 -17.61 6.95
N ILE B 264 14.33 -18.89 7.27
CA ILE B 264 13.28 -19.73 6.70
C ILE B 264 11.96 -19.69 7.49
N1 UMP C . -11.86 9.09 -2.63
C2 UMP C . -11.25 9.50 -1.44
N3 UMP C . -11.73 8.89 -0.30
C4 UMP C . -12.61 7.81 -0.24
C5 UMP C . -13.22 7.24 -1.50
C6 UMP C . -12.62 7.81 -2.81
O2 UMP C . -10.35 10.34 -1.41
O4 UMP C . -12.87 7.34 0.87
C1' UMP C . -11.73 9.93 -3.84
C2' UMP C . -10.51 9.61 -4.70
C3' UMP C . -10.93 10.16 -6.06
C4' UMP C . -12.39 9.74 -6.24
O3' UMP C . -10.87 11.62 -5.94
O4' UMP C . -12.88 9.80 -4.81
C5' UMP C . -12.49 8.29 -6.73
O5' UMP C . -12.10 8.39 -8.13
P UMP C . -11.32 7.31 -8.89
OP1 UMP C . -11.34 7.57 -10.35
OP2 UMP C . -9.91 7.42 -8.40
OP3 UMP C . -11.91 6.01 -8.57
N1 LYB D . -14.12 12.41 -3.13
C1 LYB D . -14.83 12.24 -4.33
N2 LYB D . -15.70 11.20 -4.52
C3 LYB D . -15.90 10.31 -3.43
C4 LYB D . -15.31 10.52 -2.19
C5 LYB D . -14.35 11.58 -2.00
N3 LYB D . -16.80 9.26 -3.36
C6 LYB D . -16.82 8.82 -2.02
C7 LYB D . -15.91 9.58 -1.29
C8 LYB D . -15.66 9.41 0.19
C9 LYB D . -16.93 9.69 1.03
C10 LYB D . -17.28 11.17 1.02
C11 LYB D . -18.15 11.69 0.06
C12 LYB D . -18.48 13.05 0.09
C13 LYB D . -17.94 13.92 1.06
C14 LYB D . -17.05 13.38 2.03
C15 LYB D . -16.73 12.02 2.00
C16 LYB D . -18.42 15.35 1.17
O1 LYB D . -13.78 11.89 -0.96
N4 LYB D . -14.57 13.16 -5.46
C17 LYB D . -18.48 17.46 2.56
C18 LYB D . -19.94 17.46 2.96
C19 LYB D . -20.11 16.57 4.17
C20 LYB D . -21.54 16.50 4.58
C21 LYB D . -17.64 18.00 3.68
O2 LYB D . -22.27 15.58 4.22
O3 LYB D . -17.78 19.29 4.03
O4 LYB D . -16.85 17.28 4.26
N5 LYB D . -18.03 16.07 2.28
O5 LYB D . -19.19 15.90 0.36
C22 LYB D . -25.84 19.22 11.23
C23 LYB D . -27.00 20.22 11.19
C24 LYB D . -27.18 20.96 12.51
C25 LYB D . -28.35 21.93 12.40
C26 LYB D . -26.01 18.18 12.32
O6 LYB D . -28.75 22.39 11.32
O8 LYB D . -24.94 17.93 13.10
O9 LYB D . -27.04 17.53 12.48
C27 LYB D . -23.34 17.39 5.99
C28 LYB D . -23.49 18.44 7.10
C29 LYB D . -24.90 18.34 7.71
C30 LYB D . -24.96 19.11 8.98
C31 LYB D . -24.40 17.54 4.93
O10 LYB D . -24.31 20.12 9.23
N6 LYB D . -25.78 18.57 9.92
O11 LYB D . -25.53 16.83 5.10
O12 LYB D . -24.28 18.25 3.93
N7 LYB D . -21.97 17.45 5.43
O7 LYB D . -28.96 22.29 13.54
N1 UMP E . 10.50 -10.90 2.28
C2 UMP E . 11.07 -9.80 1.68
N3 UMP E . 10.82 -9.66 0.35
C4 UMP E . 10.33 -10.67 -0.47
C5 UMP E . 9.68 -11.90 0.15
C6 UMP E . 9.44 -11.76 1.68
O2 UMP E . 11.79 -9.01 2.30
O4 UMP E . 10.46 -10.57 -1.69
C1' UMP E . 10.90 -11.29 3.63
C2' UMP E . 10.06 -10.55 4.67
C3' UMP E . 10.26 -11.44 5.89
C4' UMP E . 10.07 -12.88 5.37
O3' UMP E . 11.64 -11.25 6.29
O4' UMP E . 10.68 -12.73 4.01
C5' UMP E . 8.59 -13.23 5.23
O5' UMP E . 8.06 -13.48 6.57
P UMP E . 6.56 -13.17 6.90
OP1 UMP E . 6.21 -13.63 8.27
OP2 UMP E . 6.54 -11.69 6.86
OP3 UMP E . 5.66 -13.81 5.92
N1 LYB F . 14.08 -13.00 3.35
C1 LYB F . 13.53 -14.11 3.97
N2 LYB F . 12.69 -14.98 3.34
C3 LYB F . 12.43 -14.72 1.97
C4 LYB F . 12.95 -13.62 1.30
C5 LYB F . 13.80 -12.69 1.99
N3 LYB F . 11.67 -15.47 1.09
C6 LYB F . 11.72 -14.83 -0.17
C7 LYB F . 12.50 -13.71 -0.06
C8 LYB F . 12.83 -12.79 -1.23
C9 LYB F . 13.70 -13.51 -2.30
C10 LYB F . 15.12 -13.75 -1.84
C11 LYB F . 15.47 -14.97 -1.22
C12 LYB F . 16.78 -15.20 -0.80
C13 LYB F . 17.76 -14.20 -1.00
C14 LYB F . 17.42 -12.98 -1.60
C15 LYB F . 16.11 -12.76 -2.03
C16 LYB F . 19.16 -14.47 -0.61
O1 LYB F . 14.33 -11.68 1.52
N4 LYB F . 13.90 -14.34 5.38
C17 LYB F . 21.55 -13.80 -0.97
C18 LYB F . 21.96 -14.94 -1.93
C19 LYB F . 21.55 -14.57 -3.36
C20 LYB F . 22.00 -15.64 -4.31
C21 LYB F . 22.37 -12.56 -1.30
O2 LYB F . 21.24 -16.49 -4.78
O3 LYB F . 23.61 -12.54 -0.81
O4 LYB F . 21.98 -11.63 -2.00
N5 LYB F . 20.09 -13.57 -1.07
O5 LYB F . 19.51 -15.52 -0.07
C22 LYB F . 28.10 -15.41 -10.03
C23 LYB F . 29.36 -16.32 -10.13
C24 LYB F . 30.55 -15.65 -10.84
C25 LYB F . 31.78 -16.57 -10.88
C26 LYB F . 27.54 -15.08 -11.41
O6 LYB F . 31.79 -17.73 -10.50
O8 LYB F . 27.01 -13.84 -11.56
O9 LYB F . 27.47 -15.86 -12.35
C27 LYB F . 23.89 -16.50 -5.64
C28 LYB F . 25.22 -15.93 -6.14
C29 LYB F . 25.80 -16.78 -7.27
C30 LYB F . 26.99 -16.09 -7.86
C31 LYB F . 24.06 -17.86 -5.01
O10 LYB F . 27.81 -15.49 -7.15
N6 LYB F . 27.05 -16.10 -9.23
O11 LYB F . 23.15 -18.79 -5.34
O12 LYB F . 24.93 -18.14 -4.20
N7 LYB F . 23.32 -15.56 -4.65
O7 LYB F . 32.90 -16.06 -11.40
#